data_5F8U
#
_entry.id   5F8U
#
_cell.length_a   229.660
_cell.length_b   79.590
_cell.length_c   69.040
_cell.angle_alpha   90.00
_cell.angle_beta   101.83
_cell.angle_gamma   90.00
#
_symmetry.space_group_name_H-M   'C 1 2 1'
#
loop_
_entity.id
_entity.type
_entity.pdbx_description
1 polymer 'Beta-1 adrenergic receptor'
2 non-polymer Cyanopindolol
#
_entity_poly.entity_id   1
_entity_poly.type   'polypeptide(L)'
_entity_poly.pdbx_seq_one_letter_code
;MGAELLSQQWEAGMSLLMALVVLLIVAGNVLVIAAIGSTQRLQTLTNLFITSLACADLVVGLLVVPFGATLVVRGTWLWG
SFLCELWTSLDVLCVTASIETLCVIAIDRYLAITSPFRYQSLMTRARAKVIICTVWAISALVSFLPIMMHWWRDEDPQAL
KCYQDPGCCDFVTNRAYAIASSIISFYIPLLIMIFVALRVYREAKEQIRKIDRASKRKRVMLMREHKALKTLGIIMGVFT
LCWLPFFLVNIVNVFNRDLVPDWLFVAFNWLGYANSAMNPIIYCRSPDFRKAFKRLLAFPRKADRRLHHHHHH
;
_entity_poly.pdbx_strand_id   B,A
#
loop_
_chem_comp.id
_chem_comp.type
_chem_comp.name
_chem_comp.formula
P32 non-polymer Cyanopindolol 'C16 H21 N3 O2'
#
# COMPACT_ATOMS: atom_id res chain seq x y z
N GLN A 9 35.53 17.27 -27.71
CA GLN A 9 34.20 17.71 -28.21
C GLN A 9 33.31 16.51 -28.64
N TRP A 10 33.56 15.37 -27.99
CA TRP A 10 32.51 14.46 -27.62
C TRP A 10 31.35 15.21 -26.89
N GLU A 11 31.59 16.41 -26.32
CA GLU A 11 30.52 17.24 -25.74
C GLU A 11 29.42 17.68 -26.74
N ALA A 12 29.84 17.95 -27.96
CA ALA A 12 28.92 18.34 -29.03
C ALA A 12 28.37 17.09 -29.72
N GLY A 13 29.20 16.05 -29.84
CA GLY A 13 28.79 14.75 -30.35
C GLY A 13 27.62 14.22 -29.54
N MET A 14 27.78 14.20 -28.21
CA MET A 14 26.72 13.78 -27.29
C MET A 14 25.51 14.70 -27.19
N SER A 15 25.70 16.00 -27.31
CA SER A 15 24.60 16.95 -27.29
C SER A 15 23.58 16.62 -28.41
N LEU A 16 24.10 16.43 -29.61
CA LEU A 16 23.22 16.11 -30.75
C LEU A 16 22.53 14.77 -30.59
N LEU A 17 23.28 13.75 -30.19
CA LEU A 17 22.69 12.43 -29.89
C LEU A 17 21.57 12.53 -28.85
N MET A 18 21.79 13.26 -27.76
CA MET A 18 20.80 13.42 -26.69
C MET A 18 19.51 14.11 -27.19
N ALA A 19 19.66 15.12 -28.04
CA ALA A 19 18.52 15.79 -28.63
C ALA A 19 17.69 14.85 -29.53
N LEU A 20 18.33 13.91 -30.20
CA LEU A 20 17.63 12.88 -31.00
C LEU A 20 16.92 11.82 -30.16
N VAL A 21 17.54 11.42 -29.06
CA VAL A 21 16.85 10.52 -28.10
C VAL A 21 15.60 11.20 -27.54
N VAL A 22 15.70 12.48 -27.18
CA VAL A 22 14.53 13.26 -26.75
C VAL A 22 13.41 13.27 -27.80
N LEU A 23 13.80 13.59 -29.01
CA LEU A 23 12.88 13.59 -30.18
C LEU A 23 12.14 12.25 -30.32
N LEU A 24 12.91 11.17 -30.36
CA LEU A 24 12.37 9.81 -30.50
C LEU A 24 11.38 9.46 -29.40
N ILE A 25 11.79 9.72 -28.15
CA ILE A 25 10.95 9.45 -27.00
C ILE A 25 9.67 10.28 -27.12
N VAL A 26 9.84 11.59 -27.33
CA VAL A 26 8.71 12.52 -27.24
C VAL A 26 7.73 12.29 -28.39
N ALA A 27 8.27 12.22 -29.61
CA ALA A 27 7.47 11.97 -30.80
C ALA A 27 6.77 10.60 -30.79
N GLY A 28 7.49 9.57 -30.39
CA GLY A 28 6.90 8.23 -30.37
C GLY A 28 5.69 8.13 -29.45
N ASN A 29 5.86 8.70 -28.27
CA ASN A 29 4.86 8.61 -27.22
C ASN A 29 3.69 9.54 -27.46
N VAL A 30 3.93 10.72 -28.03
CA VAL A 30 2.85 11.53 -28.57
C VAL A 30 2.09 10.74 -29.63
N LEU A 31 2.79 10.06 -30.53
CA LEU A 31 2.12 9.29 -31.59
C LEU A 31 1.16 8.19 -31.08
N VAL A 32 1.65 7.46 -30.07
CA VAL A 32 0.85 6.45 -29.39
C VAL A 32 -0.43 7.02 -28.77
N ILE A 33 -0.26 8.10 -28.02
CA ILE A 33 -1.38 8.78 -27.38
C ILE A 33 -2.38 9.36 -28.41
N ALA A 34 -1.88 9.87 -29.53
CA ALA A 34 -2.73 10.41 -30.59
C ALA A 34 -3.45 9.28 -31.32
N ALA A 35 -2.79 8.12 -31.49
CA ALA A 35 -3.48 6.95 -32.07
C ALA A 35 -4.66 6.50 -31.20
N ILE A 36 -4.39 6.33 -29.93
CA ILE A 36 -5.41 5.89 -29.00
C ILE A 36 -6.58 6.87 -28.94
N GLY A 37 -6.26 8.16 -28.95
CA GLY A 37 -7.26 9.21 -28.78
C GLY A 37 -8.07 9.55 -30.02
N SER A 38 -7.66 9.03 -31.18
CA SER A 38 -8.35 9.34 -32.44
C SER A 38 -8.89 8.09 -33.16
N THR A 39 -8.96 6.95 -32.49
CA THR A 39 -9.51 5.71 -33.06
C THR A 39 -10.40 5.02 -32.04
N GLN A 40 -11.73 5.11 -32.23
CA GLN A 40 -12.71 4.48 -31.32
C GLN A 40 -12.45 2.99 -31.15
N ARG A 41 -12.17 2.31 -32.26
CA ARG A 41 -11.87 0.88 -32.25
C ARG A 41 -10.62 0.45 -31.44
N LEU A 42 -9.72 1.39 -31.14
CA LEU A 42 -8.48 1.17 -30.35
C LEU A 42 -8.60 1.57 -28.87
N GLN A 43 -9.77 2.06 -28.48
CA GLN A 43 -9.98 2.51 -27.12
C GLN A 43 -10.45 1.38 -26.21
N THR A 44 -9.79 0.20 -26.29
CA THR A 44 -10.05 -0.90 -25.35
C THR A 44 -9.73 -0.36 -23.96
N LEU A 45 -10.12 -1.09 -22.92
CA LEU A 45 -9.78 -0.66 -21.55
C LEU A 45 -8.25 -0.68 -21.35
N THR A 46 -7.64 -1.79 -21.73
CA THR A 46 -6.19 -1.97 -21.72
C THR A 46 -5.44 -0.77 -22.29
N ASN A 47 -5.93 -0.28 -23.41
CA ASN A 47 -5.28 0.85 -24.09
C ASN A 47 -5.42 2.16 -23.37
N LEU A 48 -6.48 2.28 -22.58
CA LEU A 48 -6.58 3.39 -21.65
C LEU A 48 -5.41 3.31 -20.67
N PHE A 49 -5.09 2.10 -20.19
CA PHE A 49 -3.93 1.94 -19.30
C PHE A 49 -2.62 2.19 -20.04
N ILE A 50 -2.54 1.73 -21.28
CA ILE A 50 -1.40 2.06 -22.10
C ILE A 50 -1.20 3.55 -22.28
N THR A 51 -2.28 4.32 -22.33
CA THR A 51 -2.25 5.79 -22.40
C THR A 51 -1.42 6.38 -21.25
N SER A 52 -1.63 5.84 -20.06
CA SER A 52 -0.91 6.23 -18.84
C SER A 52 0.57 6.02 -19.02
N LEU A 53 0.96 4.88 -19.56
CA LEU A 53 2.37 4.59 -19.80
C LEU A 53 3.02 5.52 -20.76
N ALA A 54 2.30 5.77 -21.85
CA ALA A 54 2.81 6.63 -22.89
C ALA A 54 2.96 8.05 -22.38
N CYS A 55 2.07 8.46 -21.47
CA CYS A 55 2.19 9.76 -20.77
C CYS A 55 3.40 9.84 -19.85
N ALA A 56 3.64 8.81 -19.07
CA ALA A 56 4.86 8.78 -18.23
C ALA A 56 6.05 8.82 -19.15
N ASP A 57 6.00 8.14 -20.29
CA ASP A 57 7.18 8.15 -21.16
C ASP A 57 7.38 9.54 -21.76
N LEU A 58 6.26 10.17 -22.06
CA LEU A 58 6.25 11.51 -22.64
C LEU A 58 6.82 12.55 -21.68
N VAL A 59 6.51 12.42 -20.40
CA VAL A 59 7.11 13.33 -19.42
C VAL A 59 8.59 13.05 -19.28
N VAL A 60 9.00 11.80 -19.45
CA VAL A 60 10.40 11.46 -19.51
C VAL A 60 11.11 12.14 -20.68
N GLY A 61 10.52 12.10 -21.86
CA GLY A 61 11.12 12.69 -23.06
C GLY A 61 11.19 14.18 -22.98
N LEU A 62 10.20 14.84 -22.39
CA LEU A 62 10.09 16.32 -22.38
C LEU A 62 10.81 17.02 -21.24
N LEU A 63 10.73 16.42 -20.06
CA LEU A 63 11.24 17.07 -18.86
C LEU A 63 12.43 16.36 -18.31
N VAL A 64 12.35 15.06 -18.07
CA VAL A 64 13.44 14.36 -17.42
C VAL A 64 14.68 14.25 -18.25
N VAL A 65 14.56 13.69 -19.43
CA VAL A 65 15.76 13.54 -20.30
C VAL A 65 16.42 14.86 -20.70
N PRO A 66 15.64 15.90 -21.04
CA PRO A 66 16.29 17.16 -21.45
C PRO A 66 17.19 17.82 -20.38
N PHE A 67 16.68 17.91 -19.16
CA PHE A 67 17.46 18.35 -18.04
C PHE A 67 18.60 17.39 -17.68
N GLY A 68 18.35 16.10 -17.80
CA GLY A 68 19.37 15.08 -17.57
C GLY A 68 20.53 15.15 -18.51
N ALA A 69 20.23 15.29 -19.80
CA ALA A 69 21.23 15.48 -20.85
C ALA A 69 22.21 16.59 -20.49
N THR A 70 21.66 17.74 -20.07
CA THR A 70 22.50 18.92 -19.66
C THR A 70 23.45 18.59 -18.55
N LEU A 71 22.98 17.80 -17.60
CA LEU A 71 23.87 17.34 -16.53
C LEU A 71 24.95 16.44 -17.12
N VAL A 72 24.55 15.53 -18.00
CA VAL A 72 25.45 14.54 -18.58
C VAL A 72 26.56 15.19 -19.35
N VAL A 73 26.23 16.13 -20.24
CA VAL A 73 27.19 16.71 -21.19
C VAL A 73 28.04 17.83 -20.56
N ARG A 74 27.40 18.72 -19.79
CA ARG A 74 28.16 19.75 -19.05
C ARG A 74 28.80 19.23 -17.75
N GLY A 75 28.32 18.12 -17.19
CA GLY A 75 28.84 17.64 -15.90
C GLY A 75 28.53 18.50 -14.68
N THR A 76 27.53 19.38 -14.76
CA THR A 76 27.08 20.22 -13.64
C THR A 76 25.61 20.54 -13.79
N TRP A 77 24.93 20.85 -12.70
CA TRP A 77 23.51 21.25 -12.75
C TRP A 77 23.37 22.77 -12.89
N LEU A 78 22.69 23.21 -13.93
CA LEU A 78 22.60 24.64 -14.25
C LEU A 78 21.33 25.34 -13.80
N TRP A 79 20.41 24.62 -13.20
CA TRP A 79 18.98 25.02 -13.16
C TRP A 79 18.49 25.40 -11.72
N GLY A 80 19.44 25.58 -10.82
CA GLY A 80 19.17 25.96 -9.43
C GLY A 80 18.86 24.76 -8.56
N SER A 81 18.90 24.98 -7.24
CA SER A 81 18.71 23.88 -6.26
C SER A 81 17.29 23.33 -6.24
N PHE A 82 16.30 24.21 -6.42
CA PHE A 82 14.90 23.80 -6.38
C PHE A 82 14.52 22.96 -7.60
N LEU A 83 14.95 23.36 -8.78
CA LEU A 83 14.66 22.58 -9.98
C LEU A 83 15.46 21.30 -9.97
N CYS A 84 16.61 21.28 -9.34
CA CYS A 84 17.34 20.03 -9.12
C CYS A 84 16.47 19.03 -8.42
N GLU A 85 15.80 19.47 -7.35
CA GLU A 85 14.93 18.61 -6.52
C GLU A 85 13.65 18.18 -7.27
N LEU A 86 13.04 19.13 -7.96
CA LEU A 86 11.86 18.90 -8.74
C LEU A 86 12.13 17.95 -9.90
N TRP A 87 13.22 18.16 -10.61
CA TRP A 87 13.66 17.27 -11.70
C TRP A 87 13.81 15.81 -11.24
N THR A 88 14.55 15.63 -10.16
CA THR A 88 14.75 14.35 -9.54
C THR A 88 13.45 13.67 -9.17
N SER A 89 12.53 14.42 -8.54
CA SER A 89 11.19 13.93 -8.10
C SER A 89 10.32 13.42 -9.24
N LEU A 90 10.36 14.15 -10.37
CA LEU A 90 9.62 13.83 -11.60
C LEU A 90 10.22 12.69 -12.34
N ASP A 91 11.55 12.58 -12.30
CA ASP A 91 12.25 11.40 -12.80
C ASP A 91 11.83 10.16 -12.03
N VAL A 92 12.00 10.22 -10.71
CA VAL A 92 11.55 9.14 -9.84
C VAL A 92 10.05 8.79 -9.99
N LEU A 93 9.19 9.82 -10.10
CA LEU A 93 7.75 9.65 -10.32
C LEU A 93 7.43 8.87 -11.60
N CYS A 94 8.01 9.29 -12.73
CA CYS A 94 7.82 8.61 -14.02
C CYS A 94 8.17 7.13 -13.99
N VAL A 95 9.27 6.78 -13.33
CA VAL A 95 9.66 5.38 -13.21
C VAL A 95 8.68 4.58 -12.38
N THR A 96 8.30 5.17 -11.25
CA THR A 96 7.30 4.54 -10.30
C THR A 96 5.94 4.31 -10.97
N ALA A 97 5.37 5.35 -11.58
CA ALA A 97 4.09 5.25 -12.26
C ALA A 97 4.14 4.24 -13.39
N SER A 98 5.24 4.21 -14.15
CA SER A 98 5.45 3.19 -15.20
C SER A 98 5.39 1.75 -14.66
N ILE A 99 6.17 1.40 -13.66
CA ILE A 99 6.16 0.03 -13.14
C ILE A 99 4.85 -0.32 -12.40
N GLU A 100 4.22 0.63 -11.73
CA GLU A 100 2.88 0.39 -11.14
C GLU A 100 1.80 0.16 -12.21
N THR A 101 1.85 0.92 -13.31
CA THR A 101 0.90 0.75 -14.41
C THR A 101 1.12 -0.58 -15.13
N LEU A 102 2.37 -1.02 -15.27
CA LEU A 102 2.67 -2.34 -15.84
C LEU A 102 2.18 -3.48 -14.97
N CYS A 103 2.35 -3.35 -13.66
CA CYS A 103 1.80 -4.36 -12.74
C CYS A 103 0.26 -4.38 -12.71
N VAL A 104 -0.39 -3.23 -12.85
CA VAL A 104 -1.86 -3.17 -13.08
C VAL A 104 -2.30 -3.86 -14.39
N ILE A 105 -1.56 -3.62 -15.46
CA ILE A 105 -1.86 -4.26 -16.74
C ILE A 105 -1.72 -5.80 -16.62
N ALA A 106 -0.69 -6.29 -15.92
CA ALA A 106 -0.53 -7.73 -15.69
C ALA A 106 -1.73 -8.32 -14.93
N ILE A 107 -2.16 -7.66 -13.87
CA ILE A 107 -3.27 -8.12 -13.04
C ILE A 107 -4.58 -8.10 -13.84
N ASP A 108 -4.79 -7.00 -14.56
CA ASP A 108 -5.97 -6.80 -15.39
C ASP A 108 -6.16 -7.92 -16.41
N ARG A 109 -5.09 -8.25 -17.12
CA ARG A 109 -5.07 -9.31 -18.11
C ARG A 109 -5.22 -10.68 -17.47
N TYR A 110 -4.64 -10.91 -16.32
CA TYR A 110 -4.90 -12.17 -15.60
C TYR A 110 -6.40 -12.38 -15.28
N LEU A 111 -7.08 -11.30 -14.88
CA LEU A 111 -8.51 -11.37 -14.62
C LEU A 111 -9.35 -11.42 -15.89
N ALA A 112 -8.88 -10.75 -16.94
CA ALA A 112 -9.52 -10.85 -18.25
C ALA A 112 -9.49 -12.28 -18.85
N ILE A 113 -8.38 -12.99 -18.75
CA ILE A 113 -8.25 -14.36 -19.26
C ILE A 113 -8.98 -15.45 -18.45
N THR A 114 -9.07 -15.25 -17.13
CA THR A 114 -9.69 -16.22 -16.22
C THR A 114 -11.18 -15.96 -15.96
N SER A 115 -11.67 -14.77 -16.33
CA SER A 115 -13.09 -14.48 -16.24
C SER A 115 -13.54 -13.44 -17.24
N PRO A 116 -13.46 -13.79 -18.54
CA PRO A 116 -13.65 -12.80 -19.61
C PRO A 116 -14.98 -12.05 -19.56
N PHE A 117 -16.03 -12.81 -19.21
CA PHE A 117 -17.38 -12.26 -19.19
C PHE A 117 -17.52 -11.28 -18.03
N ARG A 118 -17.22 -11.75 -16.82
CA ARG A 118 -17.33 -10.90 -15.66
C ARG A 118 -16.51 -9.61 -15.89
N TYR A 119 -15.28 -9.79 -16.32
CA TYR A 119 -14.34 -8.67 -16.46
C TYR A 119 -14.87 -7.60 -17.41
N GLN A 120 -15.40 -8.04 -18.55
CA GLN A 120 -15.83 -7.11 -19.59
C GLN A 120 -17.13 -6.41 -19.21
N SER A 121 -17.89 -7.06 -18.33
CA SER A 121 -19.17 -6.51 -17.85
C SER A 121 -19.02 -5.53 -16.68
N LEU A 122 -17.85 -5.53 -16.04
CA LEU A 122 -17.72 -4.71 -14.83
C LEU A 122 -16.51 -3.79 -14.72
N MET A 123 -15.50 -3.93 -15.58
CA MET A 123 -14.57 -2.81 -15.90
C MET A 123 -15.18 -1.89 -16.98
N THR A 124 -15.10 -0.57 -16.77
CA THR A 124 -15.46 0.39 -17.82
C THR A 124 -14.41 1.49 -17.95
N ARG A 125 -14.51 2.21 -19.07
CA ARG A 125 -13.53 3.25 -19.40
C ARG A 125 -13.37 4.26 -18.26
N ALA A 126 -14.45 4.58 -17.54
CA ALA A 126 -14.38 5.47 -16.37
C ALA A 126 -13.68 4.81 -15.16
N ARG A 127 -13.97 3.53 -14.92
CA ARG A 127 -13.37 2.82 -13.77
C ARG A 127 -11.84 2.58 -13.95
N ALA A 128 -11.43 2.49 -15.19
CA ALA A 128 -10.01 2.45 -15.54
C ALA A 128 -9.39 3.81 -15.26
N LYS A 129 -10.01 4.89 -15.73
CA LYS A 129 -9.52 6.28 -15.48
C LYS A 129 -9.35 6.54 -13.98
N VAL A 130 -10.15 5.90 -13.16
CA VAL A 130 -9.98 6.05 -11.71
C VAL A 130 -8.78 5.28 -11.13
N ILE A 131 -8.64 4.04 -11.56
CA ILE A 131 -7.44 3.26 -11.25
C ILE A 131 -6.16 4.04 -11.59
N ILE A 132 -6.14 4.64 -12.78
CA ILE A 132 -5.00 5.37 -13.31
C ILE A 132 -4.69 6.58 -12.43
N CYS A 133 -5.74 7.29 -12.04
CA CYS A 133 -5.63 8.38 -11.10
C CYS A 133 -4.98 7.97 -9.81
N THR A 134 -5.49 6.89 -9.24
CA THR A 134 -4.92 6.34 -8.00
C THR A 134 -3.42 6.05 -8.09
N VAL A 135 -3.06 5.32 -9.15
CA VAL A 135 -1.67 5.04 -9.49
C VAL A 135 -0.82 6.32 -9.44
N TRP A 136 -1.22 7.36 -10.18
CA TRP A 136 -0.42 8.60 -10.22
C TRP A 136 -0.39 9.35 -8.89
N ALA A 137 -1.47 9.27 -8.14
CA ALA A 137 -1.50 9.83 -6.78
C ALA A 137 -0.56 9.08 -5.85
N ILE A 138 -0.57 7.74 -5.90
CA ILE A 138 0.36 6.95 -5.07
C ILE A 138 1.79 7.18 -5.52
N SER A 139 2.00 7.17 -6.83
CA SER A 139 3.34 7.42 -7.41
C SER A 139 3.90 8.74 -6.92
N ALA A 140 3.08 9.80 -7.05
CA ALA A 140 3.46 11.17 -6.65
C ALA A 140 3.79 11.27 -5.17
N LEU A 141 2.93 10.69 -4.34
CA LEU A 141 3.17 10.55 -2.91
C LEU A 141 4.51 9.91 -2.56
N VAL A 142 4.73 8.68 -3.03
CA VAL A 142 6.01 7.98 -2.72
C VAL A 142 7.26 8.63 -3.36
N SER A 143 7.05 9.42 -4.40
CA SER A 143 8.15 10.08 -5.11
C SER A 143 8.41 11.45 -4.54
N PHE A 144 7.37 12.29 -4.53
CA PHE A 144 7.54 13.72 -4.29
C PHE A 144 7.80 14.01 -2.84
N LEU A 145 7.02 13.37 -1.98
CA LEU A 145 7.04 13.76 -0.55
C LEU A 145 8.35 13.48 0.11
N PRO A 146 8.92 12.28 -0.06
CA PRO A 146 10.25 12.03 0.55
C PRO A 146 11.37 12.98 0.07
N ILE A 147 11.33 13.31 -1.21
CA ILE A 147 12.30 14.25 -1.78
C ILE A 147 12.11 15.66 -1.18
N MET A 148 10.87 16.15 -1.20
CA MET A 148 10.48 17.44 -0.59
C MET A 148 10.88 17.57 0.89
N MET A 149 10.74 16.49 1.66
CA MET A 149 11.05 16.48 3.09
C MET A 149 12.52 16.28 3.38
N HIS A 150 13.32 16.07 2.35
CA HIS A 150 14.73 15.79 2.48
C HIS A 150 14.98 14.52 3.27
N TRP A 151 14.08 13.56 3.21
CA TRP A 151 14.26 12.25 3.85
C TRP A 151 15.41 11.44 3.29
N TRP A 152 15.82 11.85 2.11
CA TRP A 152 16.85 11.17 1.35
C TRP A 152 18.22 11.69 1.63
N ARG A 153 18.41 12.78 2.37
CA ARG A 153 19.76 13.28 2.68
C ARG A 153 20.60 12.30 3.50
N ASP A 154 21.89 12.22 3.16
CA ASP A 154 22.89 11.49 3.94
C ASP A 154 23.74 12.49 4.74
N GLU A 155 24.44 11.98 5.75
CA GLU A 155 25.19 12.83 6.69
C GLU A 155 26.69 12.94 6.37
N ASP A 156 27.20 12.10 5.48
CA ASP A 156 28.60 12.20 5.05
C ASP A 156 28.91 13.60 4.46
N PRO A 157 30.13 14.13 4.68
CA PRO A 157 30.52 15.44 4.16
C PRO A 157 30.41 15.57 2.65
N GLN A 158 30.74 14.52 1.93
CA GLN A 158 30.61 14.50 0.48
C GLN A 158 29.16 14.78 0.11
N ALA A 159 28.26 14.04 0.77
CA ALA A 159 26.82 14.18 0.55
C ALA A 159 26.37 15.61 0.92
N LEU A 160 26.76 16.06 2.11
CA LEU A 160 26.42 17.40 2.61
C LEU A 160 26.89 18.51 1.69
N LYS A 161 28.11 18.38 1.19
CA LYS A 161 28.66 19.29 0.18
C LYS A 161 27.84 19.32 -1.11
N CYS A 162 27.45 18.15 -1.60
CA CYS A 162 26.54 18.09 -2.76
C CYS A 162 25.19 18.84 -2.52
N TYR A 163 24.62 18.65 -1.33
CA TYR A 163 23.32 19.24 -1.01
C TYR A 163 23.36 20.77 -0.85
N GLN A 164 24.49 21.28 -0.38
CA GLN A 164 24.72 22.71 -0.26
C GLN A 164 25.08 23.36 -1.59
N ASP A 165 25.63 22.58 -2.52
CA ASP A 165 25.99 23.06 -3.87
C ASP A 165 24.83 22.99 -4.87
N PRO A 166 24.26 24.17 -5.24
CA PRO A 166 23.16 24.17 -6.24
C PRO A 166 23.53 23.52 -7.58
N GLY A 167 24.83 23.53 -7.89
CA GLY A 167 25.41 22.92 -9.09
C GLY A 167 25.64 21.42 -9.05
N CYS A 168 25.39 20.81 -7.90
CA CYS A 168 25.37 19.34 -7.76
C CYS A 168 23.93 18.82 -7.69
N CYS A 169 23.54 17.98 -8.67
CA CYS A 169 22.27 17.29 -8.65
C CYS A 169 22.46 15.77 -8.84
N ASP A 170 23.47 15.19 -8.20
CA ASP A 170 23.53 13.74 -8.03
C ASP A 170 22.57 13.36 -6.90
N PHE A 171 21.80 12.30 -7.14
CA PHE A 171 20.91 11.72 -6.13
C PHE A 171 21.75 10.88 -5.17
N VAL A 172 22.56 11.56 -4.37
CA VAL A 172 23.28 10.95 -3.27
C VAL A 172 22.32 10.78 -2.12
N THR A 173 22.00 9.55 -1.74
CA THR A 173 21.03 9.34 -0.64
C THR A 173 21.59 8.51 0.51
N ASN A 174 20.91 8.56 1.64
CA ASN A 174 21.16 7.70 2.78
C ASN A 174 20.70 6.30 2.48
N ARG A 175 21.16 5.34 3.26
CA ARG A 175 20.97 3.93 2.95
C ARG A 175 19.49 3.56 3.13
N ALA A 176 18.92 4.09 4.20
CA ALA A 176 17.56 3.76 4.56
C ALA A 176 16.59 4.17 3.42
N TYR A 177 16.71 5.41 2.96
CA TYR A 177 15.91 5.89 1.85
C TYR A 177 16.16 5.07 0.58
N ALA A 178 17.42 4.78 0.28
CA ALA A 178 17.75 4.07 -0.95
C ALA A 178 17.05 2.72 -1.01
N ILE A 179 17.13 1.98 0.07
CA ILE A 179 16.51 0.66 0.16
C ILE A 179 15.01 0.72 0.11
N ALA A 180 14.44 1.58 0.95
CA ALA A 180 12.99 1.68 1.09
C ALA A 180 12.32 2.19 -0.15
N SER A 181 12.86 3.28 -0.70
CA SER A 181 12.29 3.81 -1.95
C SER A 181 12.37 2.78 -3.07
N SER A 182 13.52 2.11 -3.20
CA SER A 182 13.68 1.06 -4.24
C SER A 182 12.72 -0.15 -4.03
N ILE A 183 12.53 -0.62 -2.81
CA ILE A 183 11.55 -1.68 -2.55
C ILE A 183 10.18 -1.27 -3.02
N ILE A 184 9.76 -0.09 -2.57
CA ILE A 184 8.38 0.38 -2.72
C ILE A 184 8.06 0.84 -4.12
N SER A 185 9.01 1.52 -4.74
CA SER A 185 8.81 2.09 -6.07
C SER A 185 9.01 1.05 -7.18
N PHE A 186 9.90 0.06 -6.98
CA PHE A 186 10.31 -0.86 -8.03
C PHE A 186 10.31 -2.33 -7.67
N TYR A 187 11.03 -2.75 -6.65
CA TYR A 187 11.20 -4.20 -6.44
C TYR A 187 9.88 -4.96 -6.18
N ILE A 188 8.97 -4.39 -5.41
CA ILE A 188 7.69 -5.09 -5.13
C ILE A 188 6.69 -5.07 -6.29
N PRO A 189 6.53 -3.96 -7.00
CA PRO A 189 5.70 -4.06 -8.19
C PRO A 189 6.30 -4.97 -9.27
N LEU A 190 7.62 -4.97 -9.42
CA LEU A 190 8.30 -5.88 -10.36
C LEU A 190 8.01 -7.35 -10.03
N LEU A 191 8.22 -7.71 -8.77
CA LEU A 191 8.00 -9.08 -8.31
C LEU A 191 6.56 -9.54 -8.53
N ILE A 192 5.62 -8.66 -8.20
CA ILE A 192 4.20 -8.89 -8.47
C ILE A 192 3.89 -9.01 -9.97
N MET A 193 4.42 -8.12 -10.80
CA MET A 193 4.21 -8.15 -12.24
C MET A 193 4.68 -9.47 -12.79
N ILE A 194 5.86 -9.91 -12.37
CA ILE A 194 6.44 -11.18 -12.83
C ILE A 194 5.63 -12.40 -12.38
N PHE A 195 5.25 -12.44 -11.11
CA PHE A 195 4.44 -13.55 -10.56
C PHE A 195 3.11 -13.75 -11.31
N VAL A 196 2.39 -12.65 -11.47
CA VAL A 196 1.11 -12.57 -12.16
C VAL A 196 1.24 -12.86 -13.65
N ALA A 197 2.25 -12.29 -14.31
CA ALA A 197 2.52 -12.57 -15.73
C ALA A 197 2.80 -14.06 -16.01
N LEU A 198 3.50 -14.71 -15.11
CA LEU A 198 3.80 -16.12 -15.25
C LEU A 198 2.55 -16.96 -15.11
N ARG A 199 1.63 -16.55 -14.25
CA ARG A 199 0.33 -17.20 -14.14
C ARG A 199 -0.53 -17.01 -15.40
N VAL A 200 -0.46 -15.83 -16.01
CA VAL A 200 -1.19 -15.58 -17.26
C VAL A 200 -0.65 -16.50 -18.36
N TYR A 201 0.69 -16.56 -18.41
CA TYR A 201 1.35 -17.48 -19.32
C TYR A 201 0.95 -18.93 -19.08
N ARG A 202 0.97 -19.40 -17.84
CA ARG A 202 0.43 -20.74 -17.48
C ARG A 202 -0.98 -20.99 -18.02
N GLU A 203 -1.93 -20.11 -17.68
CA GLU A 203 -3.34 -20.33 -18.07
C GLU A 203 -3.54 -20.32 -19.60
N ALA A 204 -2.84 -19.44 -20.32
CA ALA A 204 -2.95 -19.38 -21.79
C ALA A 204 -2.53 -20.72 -22.40
N LYS A 205 -1.37 -21.17 -21.94
CA LYS A 205 -0.82 -22.48 -22.30
C LYS A 205 -1.80 -23.61 -22.03
N GLU A 206 -2.42 -23.65 -20.85
CA GLU A 206 -3.46 -24.66 -20.56
C GLU A 206 -4.57 -24.63 -21.61
N GLN A 207 -5.01 -23.41 -21.94
CA GLN A 207 -6.15 -23.24 -22.82
C GLN A 207 -5.92 -23.72 -24.25
N ILE A 208 -4.80 -23.35 -24.85
CA ILE A 208 -4.44 -23.88 -26.18
C ILE A 208 -4.17 -25.40 -26.07
N ARG A 224 -4.78 -15.20 -32.33
CA ARG A 224 -4.79 -13.72 -32.42
C ARG A 224 -4.87 -13.07 -31.05
N GLU A 225 -5.73 -13.57 -30.19
CA GLU A 225 -5.76 -13.20 -28.77
C GLU A 225 -4.36 -13.28 -28.11
N HIS A 226 -3.69 -14.37 -28.44
CA HIS A 226 -2.42 -14.70 -27.83
C HIS A 226 -1.27 -13.83 -28.36
N LYS A 227 -1.34 -13.41 -29.61
CA LYS A 227 -0.37 -12.45 -30.14
C LYS A 227 -0.41 -11.11 -29.40
N ALA A 228 -1.61 -10.63 -29.07
CA ALA A 228 -1.74 -9.37 -28.33
C ALA A 228 -1.20 -9.52 -26.89
N LEU A 229 -1.46 -10.66 -26.26
CA LEU A 229 -0.88 -10.94 -24.92
C LEU A 229 0.66 -11.00 -24.97
N LYS A 230 1.18 -11.54 -26.05
CA LYS A 230 2.65 -11.61 -26.28
C LYS A 230 3.30 -10.22 -26.28
N THR A 231 2.69 -9.27 -26.98
CA THR A 231 3.18 -7.90 -26.96
C THR A 231 3.31 -7.33 -25.55
N LEU A 232 2.35 -7.60 -24.70
CA LEU A 232 2.36 -7.09 -23.34
C LEU A 232 3.47 -7.75 -22.54
N GLY A 233 3.66 -9.05 -22.75
CA GLY A 233 4.78 -9.76 -22.12
C GLY A 233 6.15 -9.22 -22.47
N ILE A 234 6.34 -8.97 -23.76
CA ILE A 234 7.56 -8.30 -24.28
C ILE A 234 7.85 -6.97 -23.61
N ILE A 235 6.85 -6.11 -23.52
CA ILE A 235 6.93 -4.79 -22.82
C ILE A 235 7.37 -4.93 -21.40
N MET A 236 6.79 -5.91 -20.72
CA MET A 236 7.20 -6.24 -19.37
C MET A 236 8.66 -6.71 -19.24
N GLY A 237 9.05 -7.66 -20.10
CA GLY A 237 10.42 -8.17 -20.04
C GLY A 237 11.44 -7.10 -20.36
N VAL A 238 11.13 -6.25 -21.33
CA VAL A 238 12.02 -5.19 -21.78
C VAL A 238 12.17 -4.09 -20.73
N PHE A 239 11.07 -3.78 -20.08
CA PHE A 239 11.10 -2.82 -18.99
C PHE A 239 11.99 -3.31 -17.85
N THR A 240 11.85 -4.59 -17.51
CA THR A 240 12.72 -5.21 -16.52
C THR A 240 14.23 -5.21 -16.88
N LEU A 241 14.57 -5.59 -18.10
CA LEU A 241 15.95 -5.53 -18.60
C LEU A 241 16.51 -4.09 -18.61
N CYS A 242 15.67 -3.12 -18.94
CA CYS A 242 16.13 -1.73 -19.01
C CYS A 242 16.38 -1.12 -17.63
N TRP A 243 15.55 -1.48 -16.64
CA TRP A 243 15.64 -0.79 -15.32
C TRP A 243 16.29 -1.55 -14.19
N LEU A 244 16.18 -2.86 -14.24
CA LEU A 244 16.72 -3.74 -13.24
C LEU A 244 18.23 -3.65 -13.10
N PRO A 245 19.01 -3.41 -14.17
CA PRO A 245 20.45 -3.16 -13.89
C PRO A 245 20.70 -2.01 -12.87
N PHE A 246 20.10 -0.87 -13.12
CA PHE A 246 20.18 0.28 -12.22
C PHE A 246 19.75 -0.12 -10.79
N PHE A 247 18.60 -0.79 -10.68
CA PHE A 247 18.10 -1.14 -9.36
C PHE A 247 18.88 -2.21 -8.65
N LEU A 248 19.49 -3.13 -9.37
CA LEU A 248 20.48 -4.06 -8.79
C LEU A 248 21.68 -3.30 -8.27
N VAL A 249 22.23 -2.43 -9.09
CA VAL A 249 23.35 -1.55 -8.72
C VAL A 249 23.06 -0.62 -7.54
N ASN A 250 21.85 -0.10 -7.48
CA ASN A 250 21.41 0.73 -6.39
C ASN A 250 21.64 0.03 -5.05
N ILE A 251 21.28 -1.25 -4.99
CA ILE A 251 21.43 -2.06 -3.79
C ILE A 251 22.88 -2.49 -3.47
N VAL A 252 23.58 -3.03 -4.44
CA VAL A 252 25.04 -3.23 -4.31
C VAL A 252 25.72 -1.98 -3.73
N ASN A 253 25.37 -0.79 -4.21
CA ASN A 253 26.05 0.45 -3.77
C ASN A 253 25.73 0.92 -2.36
N VAL A 254 24.54 0.63 -1.85
CA VAL A 254 24.22 0.96 -0.46
C VAL A 254 25.03 0.09 0.49
N PHE A 255 25.41 -1.10 0.02
CA PHE A 255 26.19 -2.05 0.77
C PHE A 255 27.70 -1.81 0.69
N ASN A 256 28.16 -1.33 -0.47
CA ASN A 256 29.56 -1.02 -0.66
C ASN A 256 29.67 0.11 -1.66
N ARG A 257 29.93 1.31 -1.16
CA ARG A 257 29.88 2.48 -2.02
C ARG A 257 30.96 2.47 -3.10
N ASP A 258 32.08 1.79 -2.86
CA ASP A 258 33.17 1.71 -3.83
C ASP A 258 32.92 0.79 -5.02
N LEU A 259 31.91 -0.07 -4.94
CA LEU A 259 31.78 -1.19 -5.85
C LEU A 259 31.36 -0.80 -7.28
N VAL A 260 30.70 0.35 -7.43
CA VAL A 260 29.99 0.71 -8.68
C VAL A 260 30.36 2.09 -9.20
N PRO A 261 31.26 2.12 -10.19
CA PRO A 261 31.71 3.41 -10.64
C PRO A 261 30.59 4.28 -11.15
N ASP A 262 30.75 5.60 -10.98
CA ASP A 262 29.71 6.56 -11.33
C ASP A 262 29.33 6.49 -12.81
N TRP A 263 30.30 6.37 -13.72
CA TRP A 263 29.97 6.35 -15.16
C TRP A 263 29.13 5.11 -15.52
N LEU A 264 29.31 4.03 -14.78
CA LEU A 264 28.55 2.81 -15.01
C LEU A 264 27.13 2.95 -14.49
N PHE A 265 27.02 3.53 -13.30
CA PHE A 265 25.72 3.88 -12.67
C PHE A 265 24.92 4.74 -13.64
N VAL A 266 25.60 5.74 -14.17
CA VAL A 266 24.97 6.64 -15.12
C VAL A 266 24.55 5.88 -16.40
N ALA A 267 25.38 4.95 -16.87
CA ALA A 267 25.03 4.22 -18.08
C ALA A 267 23.76 3.39 -17.83
N PHE A 268 23.67 2.78 -16.65
CA PHE A 268 22.48 1.98 -16.33
C PHE A 268 21.23 2.80 -16.21
N ASN A 269 21.36 4.01 -15.67
CA ASN A 269 20.25 4.98 -15.62
C ASN A 269 19.77 5.38 -17.02
N TRP A 270 20.70 5.51 -17.96
CA TRP A 270 20.32 5.86 -19.35
C TRP A 270 19.66 4.71 -20.11
N LEU A 271 20.08 3.50 -19.82
CA LEU A 271 19.33 2.34 -20.27
C LEU A 271 17.87 2.42 -19.80
N GLY A 272 17.63 2.85 -18.58
CA GLY A 272 16.25 3.07 -18.09
C GLY A 272 15.49 4.16 -18.87
N TYR A 273 16.11 5.32 -19.03
CA TYR A 273 15.53 6.40 -19.84
C TYR A 273 15.17 5.94 -21.25
N ALA A 274 16.05 5.12 -21.84
CA ALA A 274 15.83 4.54 -23.16
C ALA A 274 14.51 3.75 -23.28
N ASN A 275 14.06 3.19 -22.17
CA ASN A 275 12.77 2.52 -22.16
C ASN A 275 11.60 3.38 -22.65
N SER A 276 11.66 4.67 -22.42
CA SER A 276 10.63 5.59 -22.84
C SER A 276 10.55 5.73 -24.36
N ALA A 277 11.66 5.48 -25.06
CA ALA A 277 11.64 5.45 -26.53
C ALA A 277 11.09 4.13 -27.06
N MET A 278 11.19 3.07 -26.26
CA MET A 278 10.91 1.72 -26.73
C MET A 278 9.42 1.39 -26.90
N ASN A 279 8.58 1.82 -25.98
CA ASN A 279 7.17 1.47 -26.03
C ASN A 279 6.44 1.78 -27.35
N PRO A 280 6.60 3.03 -27.87
CA PRO A 280 5.92 3.38 -29.12
C PRO A 280 6.34 2.47 -30.26
N ILE A 281 7.62 2.11 -30.24
CA ILE A 281 8.20 1.21 -31.24
C ILE A 281 7.59 -0.19 -31.15
N ILE A 282 7.50 -0.71 -29.93
CA ILE A 282 6.80 -1.99 -29.69
C ILE A 282 5.30 -1.90 -30.13
N TYR A 283 4.63 -0.80 -29.82
CA TYR A 283 3.22 -0.64 -30.22
C TYR A 283 3.04 -0.60 -31.75
N CYS A 284 4.04 -0.06 -32.45
CA CYS A 284 4.09 -0.08 -33.92
C CYS A 284 3.83 -1.46 -34.56
N ARG A 285 4.19 -2.52 -33.83
CA ARG A 285 4.07 -3.89 -34.28
C ARG A 285 2.71 -4.55 -33.98
N SER A 286 1.86 -3.93 -33.16
CA SER A 286 0.47 -4.36 -33.03
C SER A 286 -0.26 -3.92 -34.30
N PRO A 287 -1.05 -4.87 -34.89
CA PRO A 287 -1.68 -4.59 -36.20
C PRO A 287 -2.77 -3.52 -36.10
N ASP A 288 -3.61 -3.61 -35.07
CA ASP A 288 -4.64 -2.63 -34.78
C ASP A 288 -4.09 -1.22 -34.61
N PHE A 289 -3.00 -1.09 -33.86
CA PHE A 289 -2.35 0.22 -33.65
C PHE A 289 -1.77 0.79 -34.95
N ARG A 290 -1.04 -0.05 -35.68
CA ARG A 290 -0.43 0.37 -36.94
C ARG A 290 -1.46 1.03 -37.90
N LYS A 291 -2.53 0.28 -38.15
CA LYS A 291 -3.63 0.73 -39.01
C LYS A 291 -4.07 2.13 -38.59
N ALA A 292 -4.39 2.25 -37.30
CA ALA A 292 -4.84 3.50 -36.71
C ALA A 292 -3.82 4.59 -36.87
N PHE A 293 -2.53 4.32 -36.70
CA PHE A 293 -1.50 5.36 -36.95
C PHE A 293 -1.49 5.82 -38.41
N LYS A 294 -1.72 4.87 -39.33
CA LYS A 294 -1.75 5.14 -40.78
C LYS A 294 -2.84 6.14 -41.09
N ARG A 295 -4.06 5.76 -40.73
CA ARG A 295 -5.21 6.67 -40.80
C ARG A 295 -4.90 8.06 -40.23
N LEU A 296 -4.52 8.14 -38.95
CA LEU A 296 -4.33 9.40 -38.21
C LEU A 296 -3.37 10.38 -38.84
N LEU A 297 -2.32 9.86 -39.50
CA LEU A 297 -1.25 10.71 -40.03
C LEU A 297 -1.38 11.13 -41.50
N ALA A 298 -2.56 11.03 -42.10
CA ALA A 298 -2.82 11.48 -43.49
C ALA A 298 -2.03 10.57 -44.44
N PHE A 299 -1.94 9.32 -43.98
CA PHE A 299 -0.93 8.37 -44.41
C PHE A 299 -1.49 6.95 -44.44
N GLN B 9 -5.94 0.16 47.93
CA GLN B 9 -6.21 -1.21 47.36
C GLN B 9 -7.42 -1.20 46.38
N TRP B 10 -7.62 -0.05 45.75
CA TRP B 10 -8.03 0.02 44.36
C TRP B 10 -7.12 -0.87 43.47
N GLU B 11 -5.90 -1.21 43.89
CA GLU B 11 -5.06 -2.19 43.17
C GLU B 11 -5.65 -3.59 43.03
N ALA B 12 -6.37 -4.03 44.06
CA ALA B 12 -7.03 -5.32 44.07
C ALA B 12 -8.42 -5.19 43.44
N GLY B 13 -9.08 -4.04 43.67
CA GLY B 13 -10.35 -3.71 43.03
C GLY B 13 -10.21 -3.78 41.52
N MET B 14 -9.20 -3.11 41.00
CA MET B 14 -8.89 -3.13 39.55
C MET B 14 -8.36 -4.45 39.01
N SER B 15 -7.59 -5.18 39.78
CA SER B 15 -7.09 -6.48 39.36
C SER B 15 -8.26 -7.41 38.99
N LEU B 16 -9.24 -7.50 39.88
CA LEU B 16 -10.39 -8.35 39.64
C LEU B 16 -11.22 -7.90 38.44
N LEU B 17 -11.49 -6.59 38.36
CA LEU B 17 -12.18 -6.03 37.19
C LEU B 17 -11.45 -6.36 35.88
N MET B 18 -10.12 -6.19 35.84
CA MET B 18 -9.31 -6.47 34.64
C MET B 18 -9.39 -7.94 34.21
N ALA B 19 -9.37 -8.84 35.19
CA ALA B 19 -9.50 -10.27 34.90
C ALA B 19 -10.87 -10.62 34.31
N LEU B 20 -11.92 -9.91 34.69
CA LEU B 20 -13.26 -10.07 34.10
C LEU B 20 -13.38 -9.50 32.69
N VAL B 21 -12.74 -8.37 32.45
CA VAL B 21 -12.66 -7.85 31.06
C VAL B 21 -11.92 -8.83 30.15
N VAL B 22 -10.81 -9.40 30.62
CA VAL B 22 -10.10 -10.46 29.88
C VAL B 22 -11.02 -11.65 29.56
N LEU B 23 -11.69 -12.12 30.59
CA LEU B 23 -12.67 -13.23 30.47
C LEU B 23 -13.72 -12.95 29.39
N LEU B 24 -14.37 -11.80 29.49
CA LEU B 24 -15.40 -11.37 28.54
C LEU B 24 -14.90 -11.33 27.11
N ILE B 25 -13.76 -10.67 26.93
CA ILE B 25 -13.14 -10.57 25.61
C ILE B 25 -12.84 -11.96 25.09
N VAL B 26 -12.15 -12.75 25.90
CA VAL B 26 -11.59 -14.02 25.43
C VAL B 26 -12.72 -15.02 25.17
N ALA B 27 -13.63 -15.15 26.13
CA ALA B 27 -14.77 -16.04 25.99
C ALA B 27 -15.72 -15.65 24.87
N GLY B 28 -16.00 -14.36 24.74
CA GLY B 28 -16.92 -13.91 23.70
C GLY B 28 -16.42 -14.25 22.29
N ASN B 29 -15.13 -13.98 22.09
CA ASN B 29 -14.50 -14.13 20.79
C ASN B 29 -14.21 -15.58 20.45
N VAL B 30 -13.85 -16.39 21.45
CA VAL B 30 -13.85 -17.84 21.27
C VAL B 30 -15.26 -18.30 20.87
N LEU B 31 -16.28 -17.82 21.54
CA LEU B 31 -17.66 -18.24 21.20
C LEU B 31 -18.08 -17.95 19.74
N VAL B 32 -17.73 -16.76 19.28
CA VAL B 32 -17.96 -16.36 17.89
C VAL B 32 -17.24 -17.28 16.89
N ILE B 33 -15.96 -17.52 17.13
CA ILE B 33 -15.16 -18.39 16.30
C ILE B 33 -15.69 -19.84 16.31
N ALA B 34 -16.16 -20.32 17.47
CA ALA B 34 -16.73 -21.65 17.60
C ALA B 34 -18.08 -21.74 16.90
N ALA B 35 -18.88 -20.67 16.96
CA ALA B 35 -20.15 -20.64 16.20
C ALA B 35 -19.91 -20.76 14.69
N ILE B 36 -19.01 -19.94 14.19
CA ILE B 36 -18.71 -19.94 12.78
C ILE B 36 -18.15 -21.29 12.33
N GLY B 37 -17.30 -21.88 13.16
CA GLY B 37 -16.61 -23.12 12.81
C GLY B 37 -17.42 -24.39 12.97
N SER B 38 -18.60 -24.31 13.58
CA SER B 38 -19.44 -25.48 13.81
C SER B 38 -20.85 -25.38 13.20
N THR B 39 -21.07 -24.41 12.31
CA THR B 39 -22.36 -24.27 11.61
C THR B 39 -22.13 -23.98 10.13
N GLN B 40 -22.35 -24.98 9.28
CA GLN B 40 -22.16 -24.84 7.82
C GLN B 40 -22.96 -23.69 7.25
N ARG B 41 -24.22 -23.56 7.69
CA ARG B 41 -25.10 -22.48 7.25
C ARG B 41 -24.62 -21.03 7.58
N LEU B 42 -23.69 -20.89 8.55
CA LEU B 42 -23.12 -19.59 8.99
C LEU B 42 -21.75 -19.28 8.36
N GLN B 43 -21.25 -20.19 7.52
CA GLN B 43 -19.94 -20.02 6.92
C GLN B 43 -20.01 -19.22 5.63
N THR B 44 -20.78 -18.11 5.61
CA THR B 44 -20.80 -17.21 4.47
C THR B 44 -19.37 -16.73 4.26
N LEU B 45 -19.08 -16.10 3.13
CA LEU B 45 -17.72 -15.55 2.92
C LEU B 45 -17.41 -14.44 3.95
N THR B 46 -18.35 -13.52 4.08
CA THR B 46 -18.31 -12.46 5.09
C THR B 46 -17.88 -12.97 6.46
N ASN B 47 -18.48 -14.06 6.86
CA ASN B 47 -18.20 -14.62 8.18
C ASN B 47 -16.83 -15.23 8.32
N LEU B 48 -16.25 -15.66 7.21
CA LEU B 48 -14.85 -16.01 7.19
C LEU B 48 -14.05 -14.76 7.54
N PHE B 49 -14.42 -13.61 6.99
CA PHE B 49 -13.73 -12.35 7.37
C PHE B 49 -13.98 -11.97 8.81
N ILE B 50 -15.21 -12.17 9.28
CA ILE B 50 -15.49 -11.97 10.67
C ILE B 50 -14.66 -12.85 11.57
N THR B 51 -14.32 -14.06 11.14
CA THR B 51 -13.42 -14.97 11.85
C THR B 51 -12.08 -14.30 12.18
N SER B 52 -11.55 -13.58 11.19
CA SER B 52 -10.28 -12.83 11.33
C SER B 52 -10.40 -11.80 12.42
N LEU B 53 -11.49 -11.06 12.46
CA LEU B 53 -11.73 -10.07 13.49
C LEU B 53 -11.80 -10.64 14.87
N ALA B 54 -12.53 -11.74 14.98
CA ALA B 54 -12.72 -12.38 16.26
C ALA B 54 -11.40 -12.94 16.76
N CYS B 55 -10.53 -13.39 15.85
CA CYS B 55 -9.15 -13.80 16.18
C CYS B 55 -8.27 -12.66 16.68
N ALA B 56 -8.31 -11.53 16.01
CA ALA B 56 -7.58 -10.34 16.48
C ALA B 56 -8.12 -9.98 17.84
N ASP B 57 -9.42 -10.09 18.06
CA ASP B 57 -9.96 -9.70 19.37
C ASP B 57 -9.51 -10.68 20.43
N LEU B 58 -9.44 -11.93 20.03
CA LEU B 58 -9.02 -13.01 20.91
C LEU B 58 -7.55 -12.85 21.32
N VAL B 59 -6.69 -12.43 20.42
CA VAL B 59 -5.30 -12.16 20.77
C VAL B 59 -5.22 -10.96 21.70
N VAL B 60 -6.11 -10.00 21.52
CA VAL B 60 -6.24 -8.89 22.45
C VAL B 60 -6.59 -9.36 23.86
N GLY B 61 -7.59 -10.24 23.99
CA GLY B 61 -8.06 -10.73 25.27
C GLY B 61 -7.02 -11.57 25.95
N LEU B 62 -6.25 -12.37 25.21
CA LEU B 62 -5.32 -13.35 25.80
C LEU B 62 -3.91 -12.84 26.07
N LEU B 63 -3.40 -12.01 25.17
CA LEU B 63 -2.03 -11.55 25.27
C LEU B 63 -1.92 -10.10 25.58
N VAL B 64 -2.60 -9.24 24.82
CA VAL B 64 -2.43 -7.80 25.00
C VAL B 64 -3.00 -7.29 26.30
N VAL B 65 -4.26 -7.52 26.55
CA VAL B 65 -4.88 -7.01 27.79
C VAL B 65 -4.28 -7.58 29.06
N PRO B 66 -3.94 -8.89 29.10
CA PRO B 66 -3.39 -9.43 30.35
C PRO B 66 -2.05 -8.81 30.79
N PHE B 67 -1.12 -8.67 29.86
CA PHE B 67 0.10 -7.94 30.10
C PHE B 67 -0.14 -6.45 30.37
N GLY B 68 -1.08 -5.84 29.67
CA GLY B 68 -1.45 -4.47 29.88
C GLY B 68 -1.99 -4.16 31.23
N ALA B 69 -2.90 -5.01 31.69
CA ALA B 69 -3.48 -4.95 33.07
C ALA B 69 -2.40 -4.86 34.11
N THR B 70 -1.39 -5.74 34.00
CA THR B 70 -0.22 -5.75 34.93
C THR B 70 0.52 -4.44 34.96
N LEU B 71 0.67 -3.84 33.81
CA LEU B 71 1.29 -2.52 33.75
C LEU B 71 0.38 -1.50 34.45
N VAL B 72 -0.93 -1.59 34.17
CA VAL B 72 -1.90 -0.63 34.70
C VAL B 72 -1.96 -0.67 36.20
N VAL B 73 -2.06 -1.86 36.80
CA VAL B 73 -2.31 -2.04 38.24
C VAL B 73 -1.01 -1.92 39.06
N ARG B 74 0.07 -2.54 38.61
CA ARG B 74 1.39 -2.36 39.28
C ARG B 74 2.10 -1.05 38.91
N GLY B 75 1.77 -0.42 37.78
CA GLY B 75 2.50 0.78 37.35
C GLY B 75 3.95 0.58 36.93
N THR B 76 4.34 -0.65 36.59
CA THR B 76 5.69 -0.96 36.07
C THR B 76 5.63 -2.17 35.14
N TRP B 77 6.58 -2.30 34.22
CA TRP B 77 6.65 -3.51 33.36
C TRP B 77 7.53 -4.59 34.00
N LEU B 78 6.96 -5.76 34.20
CA LEU B 78 7.64 -6.85 34.93
C LEU B 78 8.31 -7.91 34.08
N TRP B 79 8.20 -7.80 32.75
CA TRP B 79 8.35 -8.96 31.85
C TRP B 79 9.61 -8.88 30.96
N GLY B 80 10.50 -7.96 31.30
CA GLY B 80 11.76 -7.77 30.60
C GLY B 80 11.62 -6.85 29.41
N SER B 81 12.74 -6.38 28.88
CA SER B 81 12.75 -5.41 27.79
C SER B 81 12.28 -6.00 26.46
N PHE B 82 12.60 -7.27 26.21
CA PHE B 82 12.22 -7.92 24.97
C PHE B 82 10.71 -8.18 24.89
N LEU B 83 10.14 -8.67 25.97
CA LEU B 83 8.69 -8.90 25.98
C LEU B 83 7.94 -7.59 25.99
N CYS B 84 8.54 -6.54 26.54
CA CYS B 84 7.98 -5.19 26.42
C CYS B 84 7.76 -4.83 24.96
N GLU B 85 8.78 -5.08 24.15
CA GLU B 85 8.75 -4.75 22.71
C GLU B 85 7.78 -5.65 21.91
N LEU B 86 7.83 -6.93 22.24
CA LEU B 86 6.95 -7.91 21.63
C LEU B 86 5.49 -7.65 21.96
N TRP B 87 5.19 -7.37 23.23
CA TRP B 87 3.84 -6.99 23.67
C TRP B 87 3.26 -5.80 22.91
N THR B 88 4.05 -4.74 22.85
CA THR B 88 3.71 -3.53 22.12
C THR B 88 3.41 -3.81 20.64
N SER B 89 4.26 -4.61 20.00
CA SER B 89 4.14 -4.99 18.58
C SER B 89 2.85 -5.75 18.26
N LEU B 90 2.47 -6.65 19.17
CA LEU B 90 1.27 -7.47 19.08
C LEU B 90 0.03 -6.69 19.36
N ASP B 91 0.12 -5.74 20.28
CA ASP B 91 -0.97 -4.77 20.51
C ASP B 91 -1.23 -3.94 19.26
N VAL B 92 -0.17 -3.30 18.77
CA VAL B 92 -0.24 -2.55 17.53
C VAL B 92 -0.73 -3.40 16.35
N LEU B 93 -0.25 -4.63 16.21
CA LEU B 93 -0.69 -5.57 15.17
C LEU B 93 -2.20 -5.86 15.21
N CYS B 94 -2.72 -6.23 16.37
CA CYS B 94 -4.16 -6.48 16.56
C CYS B 94 -5.05 -5.32 16.14
N VAL B 95 -4.65 -4.10 16.47
CA VAL B 95 -5.43 -2.94 16.07
C VAL B 95 -5.42 -2.72 14.58
N THR B 96 -4.22 -2.84 14.00
CA THR B 96 -4.02 -2.72 12.51
C THR B 96 -4.82 -3.75 11.72
N ALA B 97 -4.67 -5.02 12.06
CA ALA B 97 -5.40 -6.10 11.40
C ALA B 97 -6.91 -5.93 11.53
N SER B 98 -7.37 -5.52 12.72
CA SER B 98 -8.81 -5.20 12.94
C SER B 98 -9.33 -4.13 11.97
N ILE B 99 -8.70 -2.96 11.90
CA ILE B 99 -9.20 -1.90 11.02
C ILE B 99 -9.00 -2.23 9.51
N GLU B 100 -7.94 -2.94 9.15
CA GLU B 100 -7.81 -3.42 7.75
C GLU B 100 -8.89 -4.46 7.36
N THR B 101 -9.22 -5.37 8.28
CA THR B 101 -10.28 -6.37 8.03
C THR B 101 -11.65 -5.71 7.96
N LEU B 102 -11.90 -4.68 8.75
CA LEU B 102 -13.15 -3.91 8.66
C LEU B 102 -13.27 -3.15 7.36
N CYS B 103 -12.18 -2.54 6.92
CA CYS B 103 -12.18 -1.90 5.60
C CYS B 103 -12.34 -2.90 4.42
N VAL B 104 -11.80 -4.11 4.52
CA VAL B 104 -12.09 -5.21 3.57
C VAL B 104 -13.56 -5.63 3.57
N ILE B 105 -14.15 -5.73 4.75
CA ILE B 105 -15.57 -6.09 4.86
C ILE B 105 -16.43 -5.00 4.22
N ALA B 106 -16.11 -3.72 4.42
CA ALA B 106 -16.84 -2.63 3.77
C ALA B 106 -16.78 -2.73 2.22
N ILE B 107 -15.58 -2.96 1.69
CA ILE B 107 -15.38 -3.06 0.24
C ILE B 107 -16.11 -4.29 -0.33
N ASP B 108 -15.98 -5.42 0.35
CA ASP B 108 -16.62 -6.67 -0.01
C ASP B 108 -18.13 -6.55 -0.17
N ARG B 109 -18.76 -5.94 0.83
CA ARG B 109 -20.18 -5.71 0.85
C ARG B 109 -20.59 -4.69 -0.19
N TYR B 110 -19.80 -3.65 -0.42
CA TYR B 110 -20.12 -2.74 -1.55
C TYR B 110 -20.16 -3.47 -2.90
N LEU B 111 -19.23 -4.40 -3.13
CA LEU B 111 -19.22 -5.21 -4.35
C LEU B 111 -20.32 -6.27 -4.37
N ALA B 112 -20.64 -6.82 -3.21
CA ALA B 112 -21.77 -7.74 -3.07
C ALA B 112 -23.13 -7.10 -3.40
N ILE B 113 -23.39 -5.88 -2.94
CA ILE B 113 -24.65 -5.15 -3.22
C ILE B 113 -24.81 -4.62 -4.65
N THR B 114 -23.68 -4.25 -5.29
CA THR B 114 -23.69 -3.67 -6.63
C THR B 114 -23.49 -4.71 -7.75
N SER B 115 -23.06 -5.92 -7.39
CA SER B 115 -22.96 -7.00 -8.35
C SER B 115 -23.10 -8.37 -7.71
N PRO B 116 -24.29 -8.66 -7.18
CA PRO B 116 -24.47 -9.87 -6.34
C PRO B 116 -24.12 -11.17 -7.03
N PHE B 117 -24.45 -11.24 -8.31
CA PHE B 117 -24.22 -12.46 -9.08
C PHE B 117 -22.73 -12.65 -9.32
N ARG B 118 -22.10 -11.65 -9.91
CA ARG B 118 -20.68 -11.73 -10.18
C ARG B 118 -19.93 -12.07 -8.88
N TYR B 119 -20.25 -11.34 -7.83
CA TYR B 119 -19.53 -11.47 -6.56
C TYR B 119 -19.59 -12.89 -6.00
N GLN B 120 -20.79 -13.46 -6.02
CA GLN B 120 -21.02 -14.77 -5.41
C GLN B 120 -20.42 -15.87 -6.26
N SER B 121 -20.25 -15.60 -7.56
CA SER B 121 -19.67 -16.57 -8.49
C SER B 121 -18.14 -16.54 -8.52
N LEU B 122 -17.53 -15.50 -7.96
CA LEU B 122 -16.08 -15.38 -8.08
C LEU B 122 -15.28 -15.09 -6.83
N MET B 123 -15.92 -14.73 -5.72
CA MET B 123 -15.33 -14.94 -4.37
C MET B 123 -15.62 -16.38 -3.89
N THR B 124 -14.61 -17.04 -3.34
CA THR B 124 -14.80 -18.32 -2.66
C THR B 124 -14.09 -18.36 -1.31
N ARG B 125 -14.49 -19.36 -0.50
CA ARG B 125 -13.98 -19.51 0.85
C ARG B 125 -12.44 -19.54 0.87
N ALA B 126 -11.81 -20.13 -0.16
CA ALA B 126 -10.34 -20.13 -0.28
C ALA B 126 -9.76 -18.74 -0.64
N ARG B 127 -10.42 -18.04 -1.54
CA ARG B 127 -9.96 -16.70 -1.97
C ARG B 127 -10.07 -15.64 -0.85
N ALA B 128 -11.04 -15.85 0.03
CA ALA B 128 -11.19 -15.04 1.24
C ALA B 128 -10.04 -15.36 2.18
N LYS B 129 -9.77 -16.64 2.44
CA LYS B 129 -8.64 -17.06 3.31
C LYS B 129 -7.31 -16.47 2.84
N VAL B 130 -7.18 -16.26 1.54
CA VAL B 130 -5.96 -15.61 1.04
C VAL B 130 -5.90 -14.11 1.30
N ILE B 131 -7.01 -13.43 1.04
CA ILE B 131 -7.14 -12.01 1.43
C ILE B 131 -6.76 -11.81 2.91
N ILE B 132 -7.28 -12.68 3.78
CA ILE B 132 -7.09 -12.61 5.21
C ILE B 132 -5.61 -12.76 5.57
N CYS B 133 -4.98 -13.72 4.92
CA CYS B 133 -3.55 -13.92 5.06
C CYS B 133 -2.76 -12.68 4.71
N THR B 134 -3.07 -12.10 3.54
CA THR B 134 -2.43 -10.87 3.09
C THR B 134 -2.52 -9.74 4.14
N VAL B 135 -3.76 -9.50 4.58
CA VAL B 135 -4.04 -8.55 5.67
C VAL B 135 -3.08 -8.75 6.85
N TRP B 136 -3.03 -9.98 7.38
CA TRP B 136 -2.16 -10.23 8.54
C TRP B 136 -0.67 -10.10 8.27
N ALA B 137 -0.27 -10.44 7.05
CA ALA B 137 1.12 -10.23 6.62
C ALA B 137 1.44 -8.74 6.51
N ILE B 138 0.54 -7.94 5.94
CA ILE B 138 0.75 -6.49 5.86
C ILE B 138 0.72 -5.89 7.24
N SER B 139 -0.26 -6.30 8.03
CA SER B 139 -0.36 -5.82 9.42
C SER B 139 0.91 -6.05 10.21
N ALA B 140 1.40 -7.28 10.14
CA ALA B 140 2.63 -7.72 10.84
C ALA B 140 3.85 -6.94 10.39
N LEU B 141 4.01 -6.80 9.10
CA LEU B 141 5.02 -5.92 8.52
C LEU B 141 5.02 -4.50 9.06
N VAL B 142 3.90 -3.80 8.90
CA VAL B 142 3.80 -2.39 9.40
C VAL B 142 3.89 -2.25 10.92
N SER B 143 3.59 -3.34 11.64
CA SER B 143 3.59 -3.33 13.10
C SER B 143 4.94 -3.76 13.63
N PHE B 144 5.38 -4.95 13.23
CA PHE B 144 6.50 -5.62 13.89
C PHE B 144 7.81 -5.01 13.50
N LEU B 145 7.97 -4.75 12.21
CA LEU B 145 9.29 -4.36 11.69
C LEU B 145 9.77 -3.03 12.22
N PRO B 146 8.92 -1.99 12.20
CA PRO B 146 9.37 -0.71 12.77
C PRO B 146 9.75 -0.77 14.27
N ILE B 147 8.98 -1.56 15.02
CA ILE B 147 9.26 -1.75 16.42
C ILE B 147 10.60 -2.48 16.61
N MET B 148 10.77 -3.61 15.93
CA MET B 148 12.02 -4.39 15.93
C MET B 148 13.26 -3.59 15.57
N MET B 149 13.13 -2.67 14.61
CA MET B 149 14.26 -1.84 14.14
C MET B 149 14.50 -0.61 15.00
N HIS B 150 13.67 -0.40 16.00
CA HIS B 150 13.75 0.75 16.87
C HIS B 150 13.56 2.06 16.09
N TRP B 151 12.78 2.02 15.03
CA TRP B 151 12.43 3.22 14.26
C TRP B 151 11.60 4.23 15.02
N TRP B 152 11.01 3.74 16.09
CA TRP B 152 10.13 4.52 16.93
C TRP B 152 10.83 5.24 18.04
N ARG B 153 12.09 5.00 18.32
CA ARG B 153 12.80 5.72 19.40
C ARG B 153 12.87 7.23 19.18
N ASP B 154 12.71 7.98 20.28
CA ASP B 154 12.91 9.43 20.33
C ASP B 154 14.25 9.71 21.02
N GLU B 155 14.75 10.94 20.82
CA GLU B 155 16.08 11.32 21.30
C GLU B 155 16.06 12.11 22.64
N ASP B 156 14.89 12.57 23.07
CA ASP B 156 14.76 13.25 24.36
C ASP B 156 15.26 12.35 25.52
N PRO B 157 15.88 12.95 26.56
CA PRO B 157 16.38 12.18 27.70
C PRO B 157 15.33 11.37 28.42
N GLN B 158 14.13 11.93 28.54
CA GLN B 158 13.02 11.22 29.14
C GLN B 158 12.78 9.93 28.38
N ALA B 159 12.70 10.05 27.05
CA ALA B 159 12.48 8.92 26.15
C ALA B 159 13.63 7.91 26.29
N LEU B 160 14.85 8.40 26.21
CA LEU B 160 16.06 7.56 26.31
C LEU B 160 16.11 6.79 27.62
N LYS B 161 15.78 7.46 28.72
CA LYS B 161 15.66 6.83 30.05
C LYS B 161 14.63 5.70 30.08
N CYS B 162 13.46 5.95 29.49
CA CYS B 162 12.46 4.88 29.37
C CYS B 162 12.99 3.64 28.58
N TYR B 163 13.69 3.90 27.48
CA TYR B 163 14.18 2.80 26.62
C TYR B 163 15.28 1.96 27.26
N GLN B 164 16.09 2.62 28.11
CA GLN B 164 17.14 1.94 28.87
C GLN B 164 16.59 1.19 30.08
N ASP B 165 15.44 1.61 30.59
CA ASP B 165 14.79 0.94 31.71
C ASP B 165 13.86 -0.22 31.27
N PRO B 166 14.28 -1.49 31.54
CA PRO B 166 13.43 -2.65 31.21
C PRO B 166 12.04 -2.60 31.85
N GLY B 167 11.95 -1.90 32.99
CA GLY B 167 10.71 -1.68 33.74
C GLY B 167 9.77 -0.60 33.22
N CYS B 168 10.22 0.13 32.19
CA CYS B 168 9.39 1.10 31.48
C CYS B 168 8.95 0.54 30.11
N CYS B 169 7.63 0.37 29.92
CA CYS B 169 7.05 -0.03 28.63
C CYS B 169 5.96 0.96 28.20
N ASP B 170 6.15 2.27 28.38
CA ASP B 170 5.33 3.28 27.68
C ASP B 170 5.86 3.34 26.24
N PHE B 171 4.93 3.39 25.29
CA PHE B 171 5.25 3.61 23.88
C PHE B 171 5.50 5.10 23.67
N VAL B 172 6.63 5.57 24.19
CA VAL B 172 7.14 6.92 23.92
C VAL B 172 7.81 6.87 22.55
N THR B 173 7.26 7.58 21.57
CA THR B 173 7.84 7.54 20.21
C THR B 173 8.25 8.92 19.70
N ASN B 174 9.06 8.94 18.65
CA ASN B 174 9.39 10.14 17.90
C ASN B 174 8.19 10.57 17.08
N ARG B 175 8.21 11.80 16.62
CA ARG B 175 7.05 12.40 15.99
C ARG B 175 6.81 11.74 14.60
N ALA B 176 7.90 11.52 13.89
CA ALA B 176 7.80 10.97 12.56
C ALA B 176 7.10 9.60 12.56
N TYR B 177 7.57 8.71 13.44
CA TYR B 177 6.97 7.40 13.60
C TYR B 177 5.50 7.51 14.03
N ALA B 178 5.22 8.38 14.97
CA ALA B 178 3.86 8.49 15.49
C ALA B 178 2.87 8.84 14.41
N ILE B 179 3.22 9.83 13.60
CA ILE B 179 2.37 10.28 12.51
C ILE B 179 2.21 9.24 11.43
N ALA B 180 3.34 8.69 10.98
CA ALA B 180 3.36 7.75 9.88
C ALA B 180 2.67 6.44 10.22
N SER B 181 3.00 5.88 11.38
CA SER B 181 2.35 4.64 11.80
C SER B 181 0.85 4.85 11.94
N SER B 182 0.45 5.96 12.55
CA SER B 182 -0.99 6.27 12.71
C SER B 182 -1.73 6.47 11.36
N ILE B 183 -1.12 7.16 10.40
CA ILE B 183 -1.73 7.28 9.07
C ILE B 183 -1.97 5.92 8.45
N ILE B 184 -0.93 5.11 8.46
CA ILE B 184 -0.87 3.86 7.70
C ILE B 184 -1.67 2.75 8.36
N SER B 185 -1.58 2.68 9.68
CA SER B 185 -2.25 1.62 10.42
C SER B 185 -3.72 1.91 10.68
N PHE B 186 -4.11 3.19 10.81
CA PHE B 186 -5.47 3.59 11.22
C PHE B 186 -6.16 4.64 10.35
N TYR B 187 -5.58 5.82 10.19
CA TYR B 187 -6.34 6.92 9.56
C TYR B 187 -6.77 6.63 8.11
N ILE B 188 -5.91 6.02 7.32
CA ILE B 188 -6.30 5.71 5.92
C ILE B 188 -7.26 4.53 5.75
N PRO B 189 -7.10 3.44 6.50
CA PRO B 189 -8.15 2.43 6.41
C PRO B 189 -9.49 2.91 6.97
N LEU B 190 -9.47 3.72 8.03
CA LEU B 190 -10.69 4.32 8.57
C LEU B 190 -11.40 5.17 7.51
N LEU B 191 -10.68 6.08 6.88
CA LEU B 191 -11.24 6.97 5.87
C LEU B 191 -11.84 6.21 4.69
N ILE B 192 -11.12 5.19 4.24
CA ILE B 192 -11.61 4.28 3.21
C ILE B 192 -12.86 3.51 3.65
N MET B 193 -12.86 2.95 4.86
CA MET B 193 -14.00 2.22 5.40
C MET B 193 -15.23 3.11 5.41
N ILE B 194 -15.07 4.34 5.88
CA ILE B 194 -16.17 5.30 5.96
C ILE B 194 -16.70 5.70 4.59
N PHE B 195 -15.80 6.03 3.66
CA PHE B 195 -16.17 6.42 2.29
C PHE B 195 -17.01 5.36 1.58
N VAL B 196 -16.51 4.13 1.62
CA VAL B 196 -17.12 2.95 1.03
C VAL B 196 -18.44 2.57 1.73
N ALA B 197 -18.45 2.59 3.07
CA ALA B 197 -19.68 2.33 3.84
C ALA B 197 -20.83 3.32 3.50
N LEU B 198 -20.47 4.58 3.29
CA LEU B 198 -21.45 5.59 2.94
C LEU B 198 -22.03 5.36 1.57
N ARG B 199 -21.21 4.87 0.64
CA ARG B 199 -21.68 4.46 -0.68
C ARG B 199 -22.62 3.23 -0.61
N VAL B 200 -22.32 2.28 0.28
CA VAL B 200 -23.19 1.11 0.46
C VAL B 200 -24.56 1.58 0.99
N TYR B 201 -24.49 2.47 1.97
CA TYR B 201 -25.68 3.08 2.50
C TYR B 201 -26.49 3.83 1.42
N ARG B 202 -25.84 4.67 0.61
CA ARG B 202 -26.49 5.29 -0.57
C ARG B 202 -27.23 4.29 -1.47
N GLU B 203 -26.50 3.27 -1.94
CA GLU B 203 -27.09 2.31 -2.89
C GLU B 203 -28.28 1.52 -2.28
N ALA B 204 -28.17 1.12 -1.02
CA ALA B 204 -29.25 0.38 -0.35
C ALA B 204 -30.52 1.23 -0.34
N LYS B 205 -30.35 2.47 0.10
CA LYS B 205 -31.41 3.49 0.10
C LYS B 205 -32.05 3.66 -1.27
N GLU B 206 -31.24 3.79 -2.33
CA GLU B 206 -31.78 3.87 -3.70
C GLU B 206 -32.67 2.66 -3.99
N GLN B 207 -32.18 1.48 -3.62
CA GLN B 207 -32.87 0.22 -3.96
C GLN B 207 -34.23 0.06 -3.30
N ILE B 208 -34.32 0.29 -2.00
CA ILE B 208 -35.62 0.25 -1.31
C ILE B 208 -36.53 1.37 -1.82
N ARG B 224 -34.59 -8.20 5.20
CA ARG B 224 -33.70 -9.13 5.93
C ARG B 224 -32.23 -8.95 5.52
N GLU B 225 -31.97 -8.83 4.25
CA GLU B 225 -30.66 -8.44 3.72
C GLU B 225 -30.13 -7.16 4.42
N HIS B 226 -31.04 -6.21 4.58
CA HIS B 226 -30.69 -4.89 5.08
C HIS B 226 -30.41 -4.90 6.59
N LYS B 227 -31.10 -5.77 7.33
CA LYS B 227 -30.78 -5.94 8.74
C LYS B 227 -29.36 -6.46 8.98
N ALA B 228 -28.90 -7.39 8.15
CA ALA B 228 -27.55 -7.94 8.29
C ALA B 228 -26.52 -6.85 7.93
N LEU B 229 -26.80 -6.05 6.90
CA LEU B 229 -25.92 -4.91 6.55
C LEU B 229 -25.83 -3.88 7.70
N LYS B 230 -26.96 -3.67 8.37
CA LYS B 230 -27.01 -2.76 9.53
C LYS B 230 -26.06 -3.19 10.65
N THR B 231 -26.05 -4.47 10.97
CA THR B 231 -25.10 -4.99 11.96
C THR B 231 -23.64 -4.64 11.63
N LEU B 232 -23.27 -4.75 10.36
CA LEU B 232 -21.92 -4.46 9.94
C LEU B 232 -21.62 -2.98 10.07
N GLY B 233 -22.59 -2.15 9.73
CA GLY B 233 -22.46 -0.69 9.91
C GLY B 233 -22.23 -0.27 11.36
N ILE B 234 -23.02 -0.86 12.25
CA ILE B 234 -22.87 -0.69 13.70
C ILE B 234 -21.47 -1.03 14.20
N ILE B 235 -20.95 -2.19 13.80
CA ILE B 235 -19.57 -2.65 14.12
C ILE B 235 -18.53 -1.65 13.69
N MET B 236 -18.71 -1.14 12.48
CA MET B 236 -17.86 -0.07 11.98
C MET B 236 -17.91 1.23 12.79
N GLY B 237 -19.13 1.71 13.06
CA GLY B 237 -19.28 2.94 13.83
C GLY B 237 -18.73 2.82 15.24
N VAL B 238 -18.95 1.68 15.86
CA VAL B 238 -18.53 1.40 17.22
C VAL B 238 -17.01 1.29 17.32
N PHE B 239 -16.42 0.66 16.32
CA PHE B 239 -14.98 0.57 16.27
C PHE B 239 -14.33 1.95 16.13
N THR B 240 -14.91 2.80 15.29
CA THR B 240 -14.46 4.18 15.16
C THR B 240 -14.59 5.02 16.47
N LEU B 241 -15.72 4.96 17.15
CA LEU B 241 -15.91 5.61 18.43
C LEU B 241 -14.95 5.09 19.51
N CYS B 242 -14.66 3.80 19.49
CA CYS B 242 -13.78 3.23 20.50
C CYS B 242 -12.31 3.60 20.28
N TRP B 243 -11.89 3.71 19.04
CA TRP B 243 -10.44 3.91 18.77
C TRP B 243 -10.00 5.30 18.35
N LEU B 244 -10.89 6.01 17.68
CA LEU B 244 -10.63 7.35 17.20
C LEU B 244 -10.32 8.35 18.29
N PRO B 245 -10.90 8.27 19.50
CA PRO B 245 -10.38 9.17 20.55
C PRO B 245 -8.84 9.07 20.77
N PHE B 246 -8.36 7.86 20.97
CA PHE B 246 -6.94 7.59 21.11
C PHE B 246 -6.15 8.18 19.91
N PHE B 247 -6.62 7.87 18.71
CA PHE B 247 -5.88 8.33 17.52
C PHE B 247 -5.94 9.82 17.27
N LEU B 248 -7.03 10.47 17.64
CA LEU B 248 -7.07 11.94 17.68
C LEU B 248 -6.06 12.50 18.67
N VAL B 249 -6.08 11.97 19.88
CA VAL B 249 -5.11 12.33 20.92
C VAL B 249 -3.64 12.07 20.56
N ASN B 250 -3.40 10.98 19.87
CA ASN B 250 -2.08 10.65 19.38
C ASN B 250 -1.49 11.81 18.58
N ILE B 251 -2.30 12.38 17.70
CA ILE B 251 -1.88 13.50 16.86
C ILE B 251 -1.76 14.86 17.59
N VAL B 252 -2.78 15.24 18.36
CA VAL B 252 -2.65 16.37 19.27
C VAL B 252 -1.34 16.31 20.08
N ASN B 253 -0.97 15.12 20.58
CA ASN B 253 0.21 15.00 21.44
C ASN B 253 1.54 15.09 20.73
N VAL B 254 1.63 14.72 19.47
CA VAL B 254 2.86 14.91 18.70
C VAL B 254 3.12 16.39 18.44
N PHE B 255 2.04 17.16 18.43
CA PHE B 255 2.09 18.60 18.20
C PHE B 255 2.34 19.39 19.47
N ASN B 256 1.81 18.91 20.58
CA ASN B 256 2.02 19.55 21.88
C ASN B 256 1.99 18.49 22.96
N ARG B 257 3.17 18.13 23.46
CA ARG B 257 3.25 17.00 24.38
C ARG B 257 2.52 17.23 25.70
N ASP B 258 2.40 18.49 26.11
CA ASP B 258 1.73 18.85 27.36
C ASP B 258 0.20 18.76 27.33
N LEU B 259 -0.39 18.66 26.14
CA LEU B 259 -1.82 18.89 25.98
C LEU B 259 -2.71 17.77 26.53
N VAL B 260 -2.16 16.56 26.64
CA VAL B 260 -2.98 15.33 26.87
C VAL B 260 -2.45 14.50 28.03
N PRO B 261 -3.12 14.64 29.19
CA PRO B 261 -2.57 13.97 30.34
C PRO B 261 -2.50 12.48 30.16
N ASP B 262 -1.49 11.86 30.79
CA ASP B 262 -1.24 10.43 30.62
C ASP B 262 -2.45 9.58 31.04
N TRP B 263 -3.11 9.88 32.16
CA TRP B 263 -4.25 9.06 32.59
C TRP B 263 -5.40 9.12 31.57
N LEU B 264 -5.52 10.22 30.86
CA LEU B 264 -6.56 10.36 29.85
C LEU B 264 -6.23 9.56 28.59
N PHE B 265 -4.96 9.64 28.20
CA PHE B 265 -4.40 8.86 27.09
C PHE B 265 -4.65 7.38 27.36
N VAL B 266 -4.34 6.97 28.58
CA VAL B 266 -4.54 5.59 28.97
C VAL B 266 -6.04 5.24 28.95
N ALA B 267 -6.91 6.13 29.37
CA ALA B 267 -8.34 5.83 29.38
C ALA B 267 -8.81 5.60 27.95
N PHE B 268 -8.32 6.43 27.01
CA PHE B 268 -8.72 6.28 25.61
C PHE B 268 -8.22 5.00 24.99
N ASN B 269 -7.02 4.59 25.37
CA ASN B 269 -6.47 3.28 24.95
C ASN B 269 -7.33 2.12 25.47
N TRP B 270 -7.86 2.24 26.68
CA TRP B 270 -8.72 1.15 27.25
C TRP B 270 -10.10 1.09 26.60
N LEU B 271 -10.62 2.24 26.21
CA LEU B 271 -11.79 2.28 25.35
C LEU B 271 -11.53 1.47 24.08
N GLY B 272 -10.34 1.57 23.49
CA GLY B 272 -9.99 0.75 22.32
C GLY B 272 -9.94 -0.75 22.63
N TYR B 273 -9.24 -1.13 23.69
CA TYR B 273 -9.22 -2.53 24.13
C TYR B 273 -10.62 -3.11 24.34
N ALA B 274 -11.50 -2.28 24.92
CA ALA B 274 -12.92 -2.63 25.14
C ALA B 274 -13.66 -3.08 23.86
N ASN B 275 -13.21 -2.56 22.73
CA ASN B 275 -13.77 -2.99 21.46
C ASN B 275 -13.72 -4.50 21.23
N SER B 276 -12.70 -5.15 21.75
CA SER B 276 -12.54 -6.59 21.59
C SER B 276 -13.60 -7.37 22.33
N ALA B 277 -14.17 -6.80 23.40
CA ALA B 277 -15.32 -7.43 24.09
C ALA B 277 -16.61 -7.20 23.36
N MET B 278 -16.68 -6.14 22.56
CA MET B 278 -17.93 -5.70 21.95
C MET B 278 -18.42 -6.56 20.77
N ASN B 279 -17.52 -6.98 19.90
CA ASN B 279 -17.93 -7.70 18.72
C ASN B 279 -18.82 -8.96 18.95
N PRO B 280 -18.40 -9.84 19.89
CA PRO B 280 -19.19 -11.03 20.17
C PRO B 280 -20.59 -10.69 20.61
N ILE B 281 -20.68 -9.63 21.40
CA ILE B 281 -21.95 -9.11 21.91
C ILE B 281 -22.84 -8.62 20.78
N ILE B 282 -22.27 -7.83 19.88
CA ILE B 282 -22.98 -7.40 18.66
C ILE B 282 -23.41 -8.62 17.80
N TYR B 283 -22.53 -9.61 17.64
CA TYR B 283 -22.89 -10.80 16.86
C TYR B 283 -24.05 -11.61 17.49
N CYS B 284 -24.13 -11.59 18.82
CA CYS B 284 -25.25 -12.18 19.56
C CYS B 284 -26.63 -11.76 19.07
N ARG B 285 -26.73 -10.56 18.50
CA ARG B 285 -27.97 -9.99 18.00
C ARG B 285 -28.30 -10.32 16.55
N SER B 286 -27.37 -10.90 15.78
CA SER B 286 -27.70 -11.49 14.49
C SER B 286 -28.48 -12.79 14.75
N PRO B 287 -29.62 -12.98 14.03
CA PRO B 287 -30.49 -14.13 14.32
C PRO B 287 -29.85 -15.46 13.94
N ASP B 288 -29.22 -15.52 12.77
CA ASP B 288 -28.49 -16.69 12.31
C ASP B 288 -27.39 -17.12 13.28
N PHE B 289 -26.62 -16.16 13.79
CA PHE B 289 -25.56 -16.44 14.76
C PHE B 289 -26.10 -16.96 16.08
N ARG B 290 -27.12 -16.28 16.59
CA ARG B 290 -27.75 -16.69 17.86
C ARG B 290 -28.17 -18.18 17.86
N LYS B 291 -28.96 -18.54 16.84
CA LYS B 291 -29.44 -19.91 16.65
C LYS B 291 -28.27 -20.87 16.74
N ALA B 292 -27.25 -20.61 15.94
CA ALA B 292 -26.04 -21.42 15.87
C ALA B 292 -25.35 -21.49 17.20
N PHE B 293 -25.25 -20.41 17.97
CA PHE B 293 -24.68 -20.48 19.32
C PHE B 293 -25.49 -21.39 20.26
N LYS B 294 -26.81 -21.35 20.09
CA LYS B 294 -27.75 -22.16 20.91
C LYS B 294 -27.46 -23.62 20.71
N ARG B 295 -27.56 -24.04 19.45
CA ARG B 295 -27.15 -25.39 19.05
C ARG B 295 -25.78 -25.79 19.63
N LEU B 296 -24.73 -25.03 19.30
CA LEU B 296 -23.34 -25.38 19.67
C LEU B 296 -23.09 -25.60 21.13
N LEU B 297 -23.80 -24.87 22.00
CA LEU B 297 -23.55 -24.92 23.44
C LEU B 297 -24.39 -25.90 24.27
N ALA B 298 -25.05 -26.87 23.63
CA ALA B 298 -25.84 -27.91 24.34
C ALA B 298 -27.05 -27.23 24.97
N PHE B 299 -27.50 -26.21 24.25
CA PHE B 299 -28.32 -25.13 24.77
C PHE B 299 -29.30 -24.63 23.71
O2 P32 C . 16.10 7.76 -13.15
C10 P32 C . 16.61 7.04 -12.04
N3 P32 C . 18.29 5.77 -4.32
C11 P32 C . 17.45 7.94 -11.14
N2 P32 C . 17.32 9.34 -11.51
C12 P32 C . 17.61 10.46 -10.61
C15 P32 C . 17.42 10.09 -9.14
C13 P32 C . 16.70 11.65 -10.92
C9 P32 C . 15.41 6.47 -11.32
O1 P32 C . 15.42 6.94 -9.99
C4 P32 C . 14.70 6.30 -9.04
C5 P32 C . 13.38 5.90 -9.29
C6 P32 C . 12.65 5.24 -8.30
C7 P32 C . 13.17 4.94 -7.02
C8 P32 C . 14.48 5.31 -6.67
C3 P32 C . 15.31 6.02 -7.72
N1 P32 C . 15.25 5.17 -5.55
C1 P32 C . 16.41 5.75 -5.93
C2 P32 C . 16.64 6.34 -7.29
C16 P32 C . 17.42 5.77 -5.07
C14 P32 C . 19.07 10.86 -10.74
O2 P32 D . -3.15 0.02 21.34
C10 P32 D . -2.40 1.20 21.04
N3 P32 D . 2.67 6.52 17.89
C11 P32 D . -0.92 1.04 21.38
N2 P32 D . -0.80 0.57 22.74
C12 P32 D . 0.48 0.29 23.40
C15 P32 D . 1.48 1.36 23.12
C13 P32 D . 1.12 -1.03 22.96
C9 P32 D . -2.53 1.47 19.56
O1 P32 D . -1.26 1.43 18.99
C4 P32 D . -1.06 1.83 17.70
C5 P32 D . -1.66 1.13 16.69
C6 P32 D . -1.47 1.52 15.38
C7 P32 D . -0.67 2.62 15.00
C8 P32 D . -0.02 3.40 15.94
C3 P32 D . -0.20 3.01 17.36
N1 P32 D . 0.80 4.51 15.89
C1 P32 D . 1.04 4.78 17.17
C2 P32 D . 0.53 3.89 18.28
C16 P32 D . 1.90 5.72 17.55
C14 P32 D . 0.20 0.24 24.90
#